data_6LYC
#
_entry.id   6LYC
#
_cell.length_a   82.967
_cell.length_b   30.721
_cell.length_c   43.482
_cell.angle_alpha   90.00
_cell.angle_beta   100.26
_cell.angle_gamma   90.00
#
_symmetry.space_group_name_H-M   'C 1 2 1'
#
loop_
_entity.id
_entity.type
_entity.pdbx_description
1 polymer 'SIRPa of the NOD mouse strain'
2 polymer D4-2
3 non-polymer 'ACETIC ACID'
4 water water
#
loop_
_entity_poly.entity_id
_entity_poly.type
_entity_poly.pdbx_seq_one_letter_code
_entity_poly.pdbx_strand_id
1 'polypeptide(L)'
;GPLGSRTEVKVIQPEKSVSVAAGDSTVLNCTLTSLLPVGPIRWYRGVGQSRQLIYSFTTEHFPRVTNVSDATKRSNLDFS
IRISNVTPEDAGTYYCVKFQRGSPDTEIQSGGGTEVYVLAAAAS
;
A
2 'polypeptide(L)' (ACE)(DTY)RYSAVYSIHPSWCG(NH2) B
#
loop_
_chem_comp.id
_chem_comp.type
_chem_comp.name
_chem_comp.formula
ACE non-polymer 'ACETYL GROUP' 'C2 H4 O'
ACY non-polymer 'ACETIC ACID' 'C2 H4 O2'
NH2 non-polymer 'AMINO GROUP' 'H2 N'
#
# COMPACT_ATOMS: atom_id res chain seq x y z
N THR A 7 3.56 -20.94 -7.59
CA THR A 7 2.40 -20.63 -6.75
C THR A 7 2.75 -19.60 -5.68
N GLU A 8 3.76 -18.78 -5.96
CA GLU A 8 4.25 -17.81 -4.99
C GLU A 8 3.27 -16.65 -4.85
N VAL A 9 3.50 -15.83 -3.83
CA VAL A 9 2.61 -14.72 -3.54
C VAL A 9 2.60 -13.76 -4.73
N LYS A 10 1.43 -13.22 -5.02
CA LYS A 10 1.31 -12.20 -6.04
C LYS A 10 0.87 -10.91 -5.38
N VAL A 11 1.42 -9.79 -5.86
CA VAL A 11 1.04 -8.45 -5.43
C VAL A 11 0.23 -7.85 -6.56
N ILE A 12 -1.01 -7.48 -6.27
CA ILE A 12 -1.99 -7.09 -7.27
CA ILE A 12 -1.99 -7.11 -7.28
C ILE A 12 -2.30 -5.63 -7.11
N GLN A 13 -1.88 -4.79 -8.06
CA GLN A 13 -2.33 -3.41 -8.13
C GLN A 13 -3.24 -3.23 -9.34
N PRO A 14 -4.55 -3.20 -9.16
CA PRO A 14 -5.44 -3.36 -10.33
C PRO A 14 -5.52 -2.15 -11.25
N GLU A 15 -5.11 -0.96 -10.81
CA GLU A 15 -5.27 0.28 -11.54
C GLU A 15 -3.92 0.81 -11.98
N LYS A 16 -3.71 0.92 -13.30
CA LYS A 16 -2.46 1.46 -13.81
C LYS A 16 -2.34 2.96 -13.56
N SER A 17 -3.47 3.66 -13.39
CA SER A 17 -3.46 5.09 -13.14
C SER A 17 -4.75 5.52 -12.44
N VAL A 18 -4.62 6.60 -11.66
CA VAL A 18 -5.74 7.22 -10.98
CA VAL A 18 -5.73 7.22 -10.95
C VAL A 18 -5.62 8.72 -11.14
N SER A 19 -6.72 9.37 -11.50
CA SER A 19 -6.77 10.82 -11.69
C SER A 19 -7.51 11.40 -10.49
N VAL A 20 -6.95 12.45 -9.88
CA VAL A 20 -7.53 13.02 -8.68
C VAL A 20 -7.39 14.54 -8.73
N ALA A 21 -8.44 15.24 -8.31
CA ALA A 21 -8.39 16.69 -8.21
C ALA A 21 -7.63 17.09 -6.94
N ALA A 22 -6.80 18.12 -7.06
CA ALA A 22 -6.10 18.62 -5.89
C ALA A 22 -7.11 18.97 -4.82
N GLY A 23 -6.81 18.60 -3.58
CA GLY A 23 -7.73 18.77 -2.49
C GLY A 23 -8.63 17.59 -2.21
N ASP A 24 -8.87 16.73 -3.20
CA ASP A 24 -9.66 15.52 -3.02
C ASP A 24 -8.77 14.45 -2.39
N SER A 25 -9.36 13.30 -2.06
CA SER A 25 -8.63 12.15 -1.56
C SER A 25 -8.71 11.03 -2.58
N THR A 26 -7.75 10.13 -2.52
CA THR A 26 -7.75 9.01 -3.44
C THR A 26 -7.25 7.76 -2.73
N VAL A 27 -7.50 6.61 -3.34
CA VAL A 27 -7.12 5.32 -2.79
C VAL A 27 -6.24 4.64 -3.80
N LEU A 28 -5.09 4.15 -3.33
CA LEU A 28 -4.18 3.34 -4.12
C LEU A 28 -4.43 1.89 -3.72
N ASN A 29 -4.92 1.07 -4.67
CA ASN A 29 -5.34 -0.28 -4.32
C ASN A 29 -4.18 -1.26 -4.45
N CYS A 30 -4.06 -2.13 -3.45
CA CYS A 30 -3.13 -3.24 -3.51
C CYS A 30 -3.70 -4.38 -2.69
N THR A 31 -3.71 -5.57 -3.26
CA THR A 31 -4.08 -6.77 -2.51
C THR A 31 -3.02 -7.83 -2.76
N LEU A 32 -2.86 -8.75 -1.81
CA LEU A 32 -1.97 -9.87 -2.00
C LEU A 32 -2.78 -11.15 -2.01
N THR A 33 -2.20 -12.18 -2.60
CA THR A 33 -2.90 -13.48 -2.56
C THR A 33 -2.63 -14.25 -1.28
N SER A 34 -1.71 -13.80 -0.43
CA SER A 34 -1.34 -14.55 0.77
C SER A 34 -0.61 -13.60 1.68
N LEU A 35 -0.57 -13.93 2.98
CA LEU A 35 0.29 -13.20 3.91
C LEU A 35 1.64 -13.87 4.08
N LEU A 36 1.84 -15.02 3.48
CA LEU A 36 3.10 -15.72 3.63
C LEU A 36 3.97 -15.46 2.40
N PRO A 37 5.31 -15.53 2.54
CA PRO A 37 6.01 -15.75 3.81
C PRO A 37 5.93 -14.48 4.64
N VAL A 38 6.13 -14.59 5.96
CA VAL A 38 6.04 -13.41 6.81
C VAL A 38 6.97 -12.32 6.30
N GLY A 39 6.48 -11.08 6.34
CA GLY A 39 7.25 -9.96 5.88
C GLY A 39 6.36 -8.79 5.55
N PRO A 40 6.87 -7.57 5.68
CA PRO A 40 6.02 -6.39 5.52
C PRO A 40 5.62 -6.10 4.07
N ILE A 41 4.57 -5.31 3.97
CA ILE A 41 4.14 -4.74 2.68
C ILE A 41 4.40 -3.25 2.78
N ARG A 42 5.13 -2.71 1.81
CA ARG A 42 5.48 -1.30 1.85
C ARG A 42 5.11 -0.62 0.53
N TRP A 43 4.74 0.64 0.60
CA TRP A 43 4.44 1.43 -0.58
C TRP A 43 5.57 2.42 -0.81
N TYR A 44 6.01 2.53 -2.04
CA TYR A 44 7.05 3.43 -2.51
C TYR A 44 6.52 4.34 -3.62
N ARG A 45 7.01 5.56 -3.67
CA ARG A 45 6.91 6.40 -4.87
C ARG A 45 8.22 6.25 -5.64
N GLY A 46 8.12 5.98 -6.92
CA GLY A 46 9.29 5.76 -7.73
C GLY A 46 9.87 4.36 -7.58
N VAL A 47 10.99 4.16 -8.28
CA VAL A 47 11.78 2.92 -8.24
C VAL A 47 13.23 3.23 -7.90
N SER A 50 14.88 8.01 -7.68
CA SER A 50 14.73 6.68 -7.10
C SER A 50 13.62 6.72 -6.06
N ARG A 51 13.49 5.65 -5.29
CA ARG A 51 12.25 5.44 -4.56
C ARG A 51 12.25 6.02 -3.16
N GLN A 52 11.04 6.24 -2.67
CA GLN A 52 10.75 6.96 -1.44
C GLN A 52 9.69 6.15 -0.70
N LEU A 53 10.03 5.66 0.49
CA LEU A 53 9.10 4.90 1.29
C LEU A 53 7.99 5.81 1.77
N ILE A 54 6.74 5.42 1.57
CA ILE A 54 5.53 6.18 1.85
CA ILE A 54 5.68 6.26 2.05
C ILE A 54 4.74 5.57 3.01
N TYR A 55 4.66 4.25 3.04
CA TYR A 55 3.74 3.63 3.96
C TYR A 55 4.16 2.17 4.16
N SER A 56 3.93 1.60 5.33
CA SER A 56 4.35 0.25 5.68
C SER A 56 3.29 -0.46 6.52
N PHE A 57 3.09 -1.74 6.22
CA PHE A 57 2.29 -2.62 7.02
C PHE A 57 3.12 -3.81 7.51
N THR A 58 2.78 -4.30 8.71
CA THR A 58 3.19 -5.65 9.10
C THR A 58 2.10 -6.65 8.70
N THR A 59 2.47 -7.90 8.60
CA THR A 59 1.45 -8.93 8.44
C THR A 59 0.87 -9.40 9.77
N GLU A 60 1.40 -8.93 10.90
CA GLU A 60 0.76 -9.20 12.18
C GLU A 60 -0.60 -8.52 12.19
N HIS A 61 -1.39 -8.85 13.20
CA HIS A 61 -2.72 -8.28 13.28
C HIS A 61 -3.02 -7.78 14.67
N PHE A 62 -3.86 -6.75 14.72
CA PHE A 62 -4.41 -6.31 15.97
C PHE A 62 -5.28 -7.42 16.54
N PRO A 63 -5.45 -7.46 17.86
CA PRO A 63 -6.38 -8.43 18.45
C PRO A 63 -7.69 -8.35 17.71
N ARG A 64 -8.22 -9.52 17.32
CA ARG A 64 -9.39 -9.58 16.45
C ARG A 64 -10.58 -8.89 17.09
N VAL A 65 -10.66 -8.89 18.41
CA VAL A 65 -11.81 -8.34 19.10
C VAL A 65 -11.89 -6.82 18.96
N THR A 66 -10.75 -6.14 18.79
CA THR A 66 -10.76 -4.69 18.62
C THR A 66 -11.20 -4.26 17.22
N ASN A 67 -11.50 -5.19 16.33
CA ASN A 67 -12.06 -4.86 15.02
C ASN A 67 -13.57 -4.86 15.11
N VAL A 68 -14.19 -3.74 14.76
CA VAL A 68 -15.65 -3.63 14.78
C VAL A 68 -16.14 -3.18 13.40
N ALA A 71 -12.31 -8.85 10.51
CA ALA A 71 -11.55 -9.19 9.31
C ALA A 71 -12.34 -10.17 8.42
N THR A 72 -11.96 -10.22 7.15
CA THR A 72 -12.48 -11.22 6.23
C THR A 72 -11.30 -11.75 5.45
N LYS A 73 -11.52 -12.83 4.70
CA LYS A 73 -10.46 -13.34 3.84
C LYS A 73 -9.92 -12.26 2.93
N ARG A 74 -10.80 -11.40 2.41
CA ARG A 74 -10.36 -10.38 1.47
C ARG A 74 -9.73 -9.19 2.18
N SER A 75 -10.33 -8.72 3.28
CA SER A 75 -9.80 -7.54 3.96
C SER A 75 -8.48 -7.83 4.64
N ASN A 76 -8.27 -9.09 5.06
CA ASN A 76 -6.98 -9.47 5.64
C ASN A 76 -5.84 -9.35 4.64
N LEU A 77 -6.16 -9.28 3.35
CA LEU A 77 -5.18 -9.30 2.26
C LEU A 77 -5.13 -8.00 1.50
N ASP A 78 -5.79 -6.95 2.02
CA ASP A 78 -5.95 -5.68 1.32
C ASP A 78 -5.00 -4.66 1.96
N PHE A 79 -4.02 -4.22 1.20
CA PHE A 79 -2.97 -3.34 1.66
C PHE A 79 -3.10 -1.97 0.99
N SER A 80 -4.33 -1.58 0.68
CA SER A 80 -4.58 -0.32 0.01
C SER A 80 -4.36 0.84 0.96
N ILE A 81 -3.91 1.94 0.38
CA ILE A 81 -3.69 3.15 1.17
C ILE A 81 -4.50 4.29 0.59
N ARG A 82 -4.73 5.30 1.43
CA ARG A 82 -5.43 6.51 1.05
CA ARG A 82 -5.42 6.52 1.02
C ARG A 82 -4.46 7.69 1.13
N ILE A 83 -4.53 8.62 0.17
CA ILE A 83 -3.84 9.91 0.26
C ILE A 83 -4.91 10.98 0.39
N SER A 84 -4.89 11.68 1.51
CA SER A 84 -5.86 12.72 1.78
C SER A 84 -5.34 14.07 1.32
N ASN A 85 -6.25 14.92 0.85
N ASN A 85 -6.26 14.96 0.94
CA ASN A 85 -5.98 16.32 0.54
CA ASN A 85 -5.91 16.32 0.56
C ASN A 85 -4.80 16.46 -0.43
C ASN A 85 -4.71 16.32 -0.38
N VAL A 86 -4.96 15.78 -1.57
CA VAL A 86 -3.90 15.59 -2.54
C VAL A 86 -3.30 16.92 -3.00
N THR A 87 -1.98 16.93 -3.13
CA THR A 87 -1.19 18.06 -3.59
C THR A 87 -0.48 17.67 -4.89
N PRO A 88 -0.13 18.66 -5.71
CA PRO A 88 0.61 18.35 -6.95
C PRO A 88 1.82 17.48 -6.75
N GLU A 89 2.51 17.63 -5.61
CA GLU A 89 3.69 16.84 -5.33
C GLU A 89 3.37 15.39 -5.05
N ASP A 90 2.07 15.05 -4.97
CA ASP A 90 1.68 13.64 -4.87
C ASP A 90 1.72 12.90 -6.20
N ALA A 91 1.80 13.63 -7.32
CA ALA A 91 1.84 12.97 -8.61
C ALA A 91 3.09 12.11 -8.72
N GLY A 92 2.94 10.95 -9.33
CA GLY A 92 4.03 10.02 -9.48
C GLY A 92 3.47 8.62 -9.58
N THR A 93 4.37 7.65 -9.62
CA THR A 93 3.99 6.24 -9.67
C THR A 93 4.29 5.57 -8.34
N TYR A 94 3.32 4.80 -7.84
CA TYR A 94 3.36 4.23 -6.51
C TYR A 94 3.36 2.72 -6.66
N TYR A 95 4.28 2.04 -5.97
CA TYR A 95 4.44 0.59 -6.01
C TYR A 95 4.19 -0.04 -4.66
N CYS A 96 3.41 -1.11 -4.64
CA CYS A 96 3.16 -1.87 -3.44
C CYS A 96 4.09 -3.06 -3.47
N VAL A 97 4.89 -3.25 -2.44
CA VAL A 97 6.00 -4.19 -2.50
C VAL A 97 5.95 -5.11 -1.30
N LYS A 98 6.08 -6.41 -1.55
CA LYS A 98 6.09 -7.38 -0.48
C LYS A 98 7.51 -7.84 -0.21
N PHE A 99 7.83 -7.95 1.07
CA PHE A 99 9.15 -8.34 1.49
C PHE A 99 9.05 -9.62 2.31
N GLN A 100 10.14 -10.38 2.35
N GLN A 100 10.15 -10.36 2.40
CA GLN A 100 10.30 -11.45 3.32
CA GLN A 100 10.24 -11.48 3.34
C GLN A 100 11.02 -10.88 4.52
C GLN A 100 11.12 -11.07 4.51
N ARG A 101 10.60 -11.29 5.72
CA ARG A 101 11.24 -10.81 6.93
C ARG A 101 12.58 -11.49 7.11
N GLY A 102 13.59 -10.70 7.42
CA GLY A 102 14.90 -11.29 7.66
C GLY A 102 15.83 -10.27 8.25
N SER A 103 17.09 -10.67 8.35
CA SER A 103 18.19 -9.81 8.80
C SER A 103 19.17 -9.67 7.64
N PRO A 104 18.90 -8.78 6.68
CA PRO A 104 17.71 -7.91 6.59
C PRO A 104 16.59 -8.47 5.71
N ASP A 105 15.48 -7.73 5.64
CA ASP A 105 14.36 -8.08 4.75
C ASP A 105 14.83 -8.05 3.30
N THR A 106 14.20 -8.87 2.46
CA THR A 106 14.47 -8.84 1.03
C THR A 106 13.16 -8.72 0.28
N GLU A 107 13.14 -7.89 -0.75
N GLU A 107 13.14 -7.90 -0.76
CA GLU A 107 11.94 -7.73 -1.55
CA GLU A 107 11.95 -7.71 -1.57
C GLU A 107 11.73 -8.97 -2.40
C GLU A 107 11.72 -8.93 -2.44
N ILE A 108 10.51 -9.47 -2.38
CA ILE A 108 10.18 -10.68 -3.13
C ILE A 108 9.23 -10.43 -4.29
N GLN A 109 8.39 -9.40 -4.25
CA GLN A 109 7.44 -9.19 -5.32
C GLN A 109 6.97 -7.77 -5.23
N SER A 110 6.76 -7.13 -6.37
CA SER A 110 6.22 -5.79 -6.43
C SER A 110 4.98 -5.78 -7.32
N GLY A 111 3.99 -5.00 -6.96
CA GLY A 111 2.91 -4.65 -7.84
C GLY A 111 3.38 -3.94 -9.10
N GLY A 112 2.44 -3.70 -10.01
CA GLY A 112 2.82 -3.16 -11.29
C GLY A 112 2.90 -1.67 -11.35
N GLY A 113 2.63 -1.01 -10.23
CA GLY A 113 2.64 0.44 -10.23
C GLY A 113 1.29 1.03 -10.58
N THR A 114 0.93 2.11 -9.86
CA THR A 114 -0.23 2.95 -10.16
C THR A 114 0.27 4.37 -10.27
N GLU A 115 0.10 5.00 -11.41
CA GLU A 115 0.44 6.40 -11.53
C GLU A 115 -0.71 7.28 -11.04
N VAL A 116 -0.37 8.30 -10.25
CA VAL A 116 -1.34 9.27 -9.74
C VAL A 116 -1.22 10.54 -10.58
N TYR A 117 -2.33 10.94 -11.22
CA TYR A 117 -2.39 12.18 -11.99
CA TYR A 117 -2.40 12.17 -12.00
C TYR A 117 -3.19 13.19 -11.17
N VAL A 118 -2.56 14.31 -10.84
CA VAL A 118 -3.18 15.33 -9.99
C VAL A 118 -3.68 16.45 -10.91
N LEU A 119 -4.97 16.74 -10.83
CA LEU A 119 -5.54 17.85 -11.56
C LEU A 119 -5.48 19.12 -10.72
N ALA A 120 -5.35 20.25 -11.40
CA ALA A 120 -5.34 21.54 -10.73
C ALA A 120 -6.64 21.76 -9.96
C ACE B 1 1.06 10.35 7.86
O ACE B 1 1.06 10.26 6.64
CH3 ACE B 1 1.30 9.13 8.76
N DTY B 2 0.86 11.58 8.55
CA DTY B 2 0.58 12.74 7.73
C DTY B 2 -0.74 12.54 6.98
O DTY B 2 -1.75 12.27 7.61
CB DTY B 2 0.57 14.02 8.61
CG DTY B 2 0.22 15.27 7.81
CD1 DTY B 2 1.14 15.83 6.94
CD2 DTY B 2 -1.04 15.85 7.91
CE1 DTY B 2 0.83 16.96 6.19
CE2 DTY B 2 -1.37 16.98 7.16
CZ DTY B 2 -0.42 17.53 6.30
OH DTY B 2 -0.72 18.65 5.54
N ARG B 3 -0.68 12.67 5.65
CA ARG B 3 -1.87 12.52 4.79
C ARG B 3 -2.04 11.11 4.25
N TYR B 4 -1.24 10.15 4.69
CA TYR B 4 -1.31 8.77 4.22
C TYR B 4 -1.94 7.92 5.31
N SER B 5 -2.87 7.06 4.92
CA SER B 5 -3.44 6.13 5.89
C SER B 5 -3.80 4.82 5.20
N ALA B 6 -3.99 3.79 6.00
CA ALA B 6 -4.45 2.51 5.45
C ALA B 6 -5.96 2.52 5.33
N VAL B 7 -6.44 1.86 4.27
CA VAL B 7 -7.88 1.67 4.17
C VAL B 7 -8.36 0.76 5.28
N TYR B 8 -7.62 -0.33 5.52
CA TYR B 8 -8.06 -1.28 6.53
C TYR B 8 -7.16 -1.23 7.76
N SER B 9 -7.75 -1.49 8.92
CA SER B 9 -7.06 -1.45 10.20
CA SER B 9 -7.04 -1.45 10.20
C SER B 9 -6.95 -2.83 10.83
N ILE B 10 -6.74 -3.85 10.00
CA ILE B 10 -6.52 -5.21 10.48
C ILE B 10 -5.06 -5.39 10.86
N HIS B 11 -4.17 -4.92 10.01
CA HIS B 11 -2.74 -5.05 10.22
C HIS B 11 -2.16 -3.73 10.66
N PRO B 12 -1.38 -3.69 11.75
CA PRO B 12 -0.71 -2.45 12.15
C PRO B 12 0.11 -1.89 11.00
N SER B 13 0.05 -0.57 10.84
CA SER B 13 0.66 0.09 9.70
C SER B 13 1.04 1.51 10.10
N TRP B 14 1.90 2.12 9.29
CA TRP B 14 2.46 3.42 9.66
C TRP B 14 2.95 4.11 8.40
N CYS B 15 2.82 5.44 8.39
CA CYS B 15 3.36 6.20 7.27
C CYS B 15 4.88 6.18 7.42
N GLY B 16 5.57 6.31 6.30
CA GLY B 16 7.00 6.05 6.30
C GLY B 16 7.31 4.58 6.59
N NH2 B 17 8.46 4.39 7.24
C ACY C . 6.08 -8.76 9.21
O ACY C . 7.31 -9.14 9.13
OXT ACY C . 5.51 -8.05 8.41
CH3 ACY C . 5.39 -9.35 10.36
#